data_2ZBQ
#
_entry.id   2ZBQ
#
_cell.length_a   82.912
_cell.length_b   75.685
_cell.length_c   61.931
_cell.angle_alpha   90.00
_cell.angle_beta   130.95
_cell.angle_gamma   90.00
#
_symmetry.space_group_name_H-M   'C 1 2 1'
#
loop_
_entity.id
_entity.type
_entity.pdbx_description
1 polymer 'Ribosomal protein L11 methyltransferase'
2 non-polymer S-ADENOSYL-L-HOMOCYSTEINE
3 water water
#
_entity_poly.entity_id   1
_entity_poly.type   'polypeptide(L)'
_entity_poly.pdbx_seq_one_letter_code
;MWVYRLKGTLEALDPILPGLFDGGARGLWEREGEVWAFFPAPVDLPYEGVWEEVGDEDWLEAWRRDLKPALAPPFVVLAP
WHTWEGAEIPLVIEPGMAFGTGHHETTRLALKALARHLRPGDKVLDLGTGSGVLAIAAEKLGGKALGVDIDPMVLPQAEA
NAKRNGVRPRFLEGSLEAALPFGPFDLLVANLYAELHAALAPRYREALVPGGRALLTGILKDRAPLVREAMAGAGFRPLE
EAAEGEWVLLAYGR
;
_entity_poly.pdbx_strand_id   A
#
# COMPACT_ATOMS: atom_id res chain seq x y z
N MET A 1 -18.32 -22.42 -3.22
CA MET A 1 -19.16 -22.26 -2.01
C MET A 1 -20.32 -21.34 -2.39
N TRP A 2 -21.48 -21.59 -1.79
CA TRP A 2 -22.67 -20.80 -2.09
C TRP A 2 -23.19 -19.99 -0.95
N VAL A 3 -23.73 -18.82 -1.28
CA VAL A 3 -24.28 -17.94 -0.28
C VAL A 3 -25.78 -17.83 -0.45
N TYR A 4 -26.49 -17.91 0.66
CA TYR A 4 -27.93 -17.76 0.65
C TYR A 4 -28.20 -16.43 1.36
N ARG A 5 -28.39 -15.38 0.56
CA ARG A 5 -28.66 -14.05 1.07
C ARG A 5 -30.11 -13.90 1.50
N LEU A 6 -30.31 -13.42 2.72
CA LEU A 6 -31.64 -13.18 3.26
C LEU A 6 -31.73 -11.73 3.71
N LYS A 7 -32.93 -11.18 3.72
CA LYS A 7 -33.09 -9.81 4.13
C LYS A 7 -33.53 -9.82 5.58
N GLY A 8 -32.96 -8.92 6.38
CA GLY A 8 -33.31 -8.86 7.78
C GLY A 8 -32.04 -8.92 8.61
N THR A 9 -32.20 -8.82 9.92
CA THR A 9 -31.06 -8.88 10.82
C THR A 9 -31.01 -10.29 11.39
N LEU A 10 -29.96 -10.57 12.16
CA LEU A 10 -29.82 -11.87 12.80
C LEU A 10 -30.89 -11.97 13.87
N GLU A 11 -30.90 -10.97 14.74
CA GLU A 11 -31.85 -10.88 15.83
C GLU A 11 -33.27 -11.12 15.30
N ALA A 12 -33.52 -10.53 14.13
CA ALA A 12 -34.80 -10.64 13.47
C ALA A 12 -35.05 -12.05 12.94
N LEU A 13 -34.08 -12.59 12.21
CA LEU A 13 -34.22 -13.93 11.65
C LEU A 13 -33.95 -15.05 12.65
N ASP A 14 -33.49 -14.70 13.84
CA ASP A 14 -33.16 -15.71 14.84
C ASP A 14 -34.12 -16.90 14.84
N PRO A 15 -35.41 -16.66 14.53
CA PRO A 15 -36.33 -17.80 14.52
C PRO A 15 -35.95 -18.86 13.48
N ILE A 16 -35.94 -18.48 12.22
CA ILE A 16 -35.63 -19.40 11.14
C ILE A 16 -34.17 -19.81 11.02
N LEU A 17 -33.33 -19.34 11.94
CA LEU A 17 -31.92 -19.68 11.83
C LEU A 17 -31.70 -21.17 12.00
N PRO A 18 -32.15 -21.71 13.14
CA PRO A 18 -31.98 -23.14 13.40
C PRO A 18 -32.15 -24.00 12.14
N GLY A 19 -33.10 -23.63 11.30
CA GLY A 19 -33.38 -24.38 10.08
C GLY A 19 -32.34 -24.27 9.00
N LEU A 20 -31.51 -23.25 9.10
CA LEU A 20 -30.46 -23.06 8.12
C LEU A 20 -29.32 -24.00 8.44
N PHE A 21 -29.05 -24.17 9.74
CA PHE A 21 -27.99 -25.06 10.17
C PHE A 21 -28.38 -26.50 9.87
N ASP A 22 -29.65 -26.80 10.03
CA ASP A 22 -30.15 -28.13 9.73
C ASP A 22 -29.84 -28.33 8.26
N GLY A 23 -30.36 -27.41 7.43
CA GLY A 23 -30.13 -27.49 5.99
C GLY A 23 -28.64 -27.58 5.70
N GLY A 24 -27.82 -27.59 6.75
CA GLY A 24 -26.40 -27.72 6.57
C GLY A 24 -25.62 -26.45 6.28
N ALA A 25 -26.01 -25.35 6.91
CA ALA A 25 -25.29 -24.09 6.73
C ALA A 25 -24.07 -24.20 7.66
N ARG A 26 -22.91 -23.82 7.16
CA ARG A 26 -21.68 -23.88 7.94
C ARG A 26 -21.19 -22.50 8.37
N GLY A 27 -21.77 -21.46 7.79
CA GLY A 27 -21.39 -20.10 8.11
C GLY A 27 -22.55 -19.12 8.03
N LEU A 28 -22.51 -18.08 8.85
CA LEU A 28 -23.52 -17.03 8.87
C LEU A 28 -22.87 -15.71 9.16
N TRP A 29 -23.17 -14.70 8.36
CA TRP A 29 -22.62 -13.36 8.54
C TRP A 29 -23.68 -12.31 8.39
N GLU A 30 -23.86 -11.46 9.40
CA GLU A 30 -24.84 -10.41 9.23
C GLU A 30 -24.09 -9.30 8.49
N ARG A 31 -24.57 -8.97 7.30
CA ARG A 31 -23.95 -7.93 6.50
C ARG A 31 -24.93 -6.87 5.98
N GLU A 32 -25.04 -5.79 6.74
CA GLU A 32 -25.90 -4.64 6.39
C GLU A 32 -27.35 -4.98 6.09
N GLY A 33 -28.13 -5.27 7.11
CA GLY A 33 -29.54 -5.57 6.88
C GLY A 33 -29.80 -6.91 6.23
N GLU A 34 -28.73 -7.63 5.92
CA GLU A 34 -28.90 -8.95 5.33
C GLU A 34 -28.12 -9.98 6.12
N VAL A 35 -28.67 -11.18 6.18
CA VAL A 35 -28.00 -12.28 6.83
C VAL A 35 -27.56 -13.20 5.70
N TRP A 36 -26.29 -13.61 5.73
CA TRP A 36 -25.74 -14.47 4.71
C TRP A 36 -25.43 -15.85 5.26
N ALA A 37 -26.04 -16.84 4.63
CA ALA A 37 -25.87 -18.23 5.02
C ALA A 37 -24.96 -18.90 3.98
N PHE A 38 -23.99 -19.63 4.48
CA PHE A 38 -23.04 -20.29 3.60
C PHE A 38 -23.23 -21.78 3.60
N PHE A 39 -23.29 -22.31 2.38
CA PHE A 39 -23.49 -23.73 2.11
C PHE A 39 -22.52 -24.19 1.04
N PRO A 40 -22.17 -25.48 1.05
CA PRO A 40 -21.24 -25.98 0.04
C PRO A 40 -21.94 -25.83 -1.32
N ALA A 41 -23.25 -26.06 -1.32
CA ALA A 41 -24.08 -25.98 -2.52
C ALA A 41 -25.56 -25.73 -2.16
N PRO A 42 -26.36 -25.22 -3.11
CA PRO A 42 -27.78 -24.93 -2.88
C PRO A 42 -28.67 -26.08 -2.41
N VAL A 43 -29.57 -25.79 -1.47
CA VAL A 43 -30.51 -26.79 -0.96
C VAL A 43 -31.93 -26.23 -0.96
N ASP A 44 -32.88 -27.04 -0.53
CA ASP A 44 -34.27 -26.60 -0.52
C ASP A 44 -34.64 -25.95 0.80
N LEU A 45 -34.99 -24.66 0.72
CA LEU A 45 -35.35 -23.89 1.91
C LEU A 45 -36.60 -22.99 1.74
N PRO A 46 -37.56 -23.14 2.67
CA PRO A 46 -38.86 -22.43 2.77
C PRO A 46 -38.73 -21.00 3.27
N TYR A 47 -37.52 -20.48 3.23
CA TYR A 47 -37.25 -19.14 3.70
C TYR A 47 -37.28 -18.10 2.59
N GLU A 48 -37.51 -18.58 1.37
CA GLU A 48 -37.59 -17.72 0.20
C GLU A 48 -36.50 -16.65 0.15
N GLY A 49 -35.27 -17.07 0.32
CA GLY A 49 -34.15 -16.15 0.25
C GLY A 49 -33.52 -16.48 -1.08
N VAL A 50 -32.57 -15.67 -1.54
CA VAL A 50 -31.90 -15.88 -2.84
C VAL A 50 -30.53 -16.59 -2.75
N TRP A 51 -30.23 -17.44 -3.74
CA TRP A 51 -28.97 -18.21 -3.83
C TRP A 51 -27.96 -17.56 -4.76
N GLU A 52 -26.69 -17.78 -4.48
CA GLU A 52 -25.61 -17.26 -5.32
C GLU A 52 -24.28 -17.83 -4.88
N GLU A 53 -23.48 -18.23 -5.85
CA GLU A 53 -22.19 -18.80 -5.54
C GLU A 53 -21.18 -17.71 -5.24
N VAL A 54 -20.35 -17.97 -4.24
CA VAL A 54 -19.30 -17.05 -3.80
C VAL A 54 -18.10 -17.04 -4.73
N GLY A 55 -17.64 -15.85 -5.10
CA GLY A 55 -16.50 -15.72 -5.99
C GLY A 55 -15.40 -14.88 -5.37
N ASP A 56 -14.27 -14.74 -6.06
CA ASP A 56 -13.16 -13.94 -5.56
C ASP A 56 -13.59 -12.53 -5.26
N GLU A 57 -14.34 -11.95 -6.19
CA GLU A 57 -14.86 -10.60 -6.03
C GLU A 57 -15.38 -10.46 -4.59
N ASP A 58 -16.36 -11.29 -4.25
CA ASP A 58 -16.98 -11.30 -2.93
C ASP A 58 -15.98 -11.36 -1.78
N TRP A 59 -14.88 -12.09 -1.98
CA TRP A 59 -13.86 -12.19 -0.94
C TRP A 59 -13.22 -10.84 -0.80
N LEU A 60 -12.51 -10.42 -1.83
CA LEU A 60 -11.85 -9.14 -1.81
C LEU A 60 -12.81 -8.14 -1.22
N GLU A 61 -13.98 -8.04 -1.83
CA GLU A 61 -15.00 -7.13 -1.36
C GLU A 61 -15.18 -7.26 0.16
N ALA A 62 -15.25 -8.50 0.65
CA ALA A 62 -15.40 -8.74 2.08
C ALA A 62 -14.11 -8.33 2.81
N TRP A 63 -12.98 -8.63 2.18
CA TRP A 63 -11.69 -8.26 2.75
C TRP A 63 -11.72 -6.75 2.90
N ARG A 64 -12.22 -6.09 1.85
CA ARG A 64 -12.32 -4.64 1.79
C ARG A 64 -13.07 -4.07 2.99
N ARG A 65 -14.02 -4.83 3.50
CA ARG A 65 -14.80 -4.39 4.64
C ARG A 65 -14.05 -4.47 5.96
N ASP A 66 -13.15 -5.42 6.09
CA ASP A 66 -12.41 -5.58 7.34
C ASP A 66 -11.17 -4.74 7.38
N LEU A 67 -10.98 -3.91 6.36
CA LEU A 67 -9.81 -3.07 6.29
C LEU A 67 -9.82 -1.92 7.30
N LYS A 68 -8.70 -1.78 8.00
CA LYS A 68 -8.54 -0.74 9.02
C LYS A 68 -7.40 0.23 8.71
N PRO A 69 -7.54 1.49 9.13
CA PRO A 69 -6.53 2.52 8.92
C PRO A 69 -5.16 2.04 9.38
N ALA A 70 -4.10 2.48 8.70
CA ALA A 70 -2.75 2.05 9.07
C ALA A 70 -1.92 3.25 9.47
N LEU A 71 -1.42 3.22 10.70
CA LEU A 71 -0.59 4.30 11.21
C LEU A 71 0.86 4.21 10.75
N ALA A 72 1.38 5.35 10.31
CA ALA A 72 2.74 5.46 9.87
C ALA A 72 3.11 6.90 10.14
N PRO A 73 3.27 7.23 11.43
CA PRO A 73 3.63 8.58 11.89
C PRO A 73 4.55 9.24 10.87
N PRO A 74 4.23 10.46 10.45
CA PRO A 74 3.09 11.30 10.81
C PRO A 74 1.83 11.03 10.01
N PHE A 75 1.81 9.94 9.25
CA PHE A 75 0.65 9.64 8.43
C PHE A 75 -0.29 8.54 8.89
N VAL A 76 -1.47 8.54 8.29
CA VAL A 76 -2.45 7.51 8.53
C VAL A 76 -2.93 7.13 7.15
N VAL A 77 -2.83 5.85 6.81
CA VAL A 77 -3.29 5.40 5.51
C VAL A 77 -4.73 4.98 5.67
N LEU A 78 -5.57 5.40 4.72
CA LEU A 78 -6.98 5.11 4.78
C LEU A 78 -7.60 4.66 3.49
N ALA A 79 -8.71 3.95 3.61
CA ALA A 79 -9.46 3.48 2.45
C ALA A 79 -10.40 4.64 2.16
N PRO A 80 -10.68 4.91 0.88
CA PRO A 80 -11.57 6.01 0.46
C PRO A 80 -12.83 6.11 1.32
N TRP A 81 -13.13 5.04 2.02
CA TRP A 81 -14.32 5.00 2.87
C TRP A 81 -14.00 5.03 4.36
N HIS A 82 -12.75 5.28 4.70
CA HIS A 82 -12.37 5.33 6.11
C HIS A 82 -12.59 6.72 6.69
N THR A 83 -12.83 6.76 8.00
CA THR A 83 -13.03 8.01 8.72
C THR A 83 -12.01 8.09 9.85
N TRP A 84 -11.25 9.18 9.91
CA TRP A 84 -10.22 9.32 10.92
C TRP A 84 -10.33 10.60 11.73
N GLU A 85 -10.38 10.45 13.05
CA GLU A 85 -10.49 11.61 13.93
C GLU A 85 -9.17 11.87 14.65
N GLY A 86 -8.09 11.95 13.89
CA GLY A 86 -6.78 12.19 14.48
C GLY A 86 -6.07 13.39 13.89
N ALA A 87 -4.90 13.69 14.42
CA ALA A 87 -4.13 14.81 13.92
C ALA A 87 -3.05 14.36 12.95
N GLU A 88 -3.08 13.07 12.60
CA GLU A 88 -2.08 12.53 11.69
C GLU A 88 -2.41 12.84 10.23
N ILE A 89 -1.38 12.92 9.39
CA ILE A 89 -1.58 13.22 7.97
C ILE A 89 -2.19 12.04 7.21
N PRO A 90 -3.41 12.25 6.70
CA PRO A 90 -4.23 11.29 5.94
C PRO A 90 -3.72 10.95 4.56
N LEU A 91 -3.68 9.66 4.27
CA LEU A 91 -3.29 9.19 2.96
C LEU A 91 -4.39 8.24 2.57
N VAL A 92 -5.04 8.52 1.44
CA VAL A 92 -6.13 7.67 0.96
C VAL A 92 -5.68 6.82 -0.20
N ILE A 93 -5.62 5.52 0.03
CA ILE A 93 -5.15 4.61 -1.00
C ILE A 93 -6.16 3.53 -1.32
N GLU A 94 -6.85 3.67 -2.44
CA GLU A 94 -7.82 2.66 -2.86
C GLU A 94 -7.12 1.31 -2.79
N PRO A 95 -7.63 0.41 -1.93
CA PRO A 95 -7.09 -0.95 -1.73
C PRO A 95 -6.86 -1.74 -3.01
N GLY A 96 -7.05 -1.10 -4.16
CA GLY A 96 -6.82 -1.75 -5.44
C GLY A 96 -5.61 -2.66 -5.45
N MET A 97 -5.56 -3.55 -6.41
CA MET A 97 -4.50 -4.55 -6.53
C MET A 97 -3.05 -4.10 -6.66
N ALA A 98 -2.81 -2.82 -6.92
CA ALA A 98 -1.45 -2.31 -7.02
C ALA A 98 -0.94 -1.93 -5.64
N GLY A 102 -1.51 -0.38 1.22
CA GLY A 102 -0.44 0.29 1.93
C GLY A 102 -0.22 -0.17 3.36
N HIS A 103 -0.32 -1.49 3.59
CA HIS A 103 -0.14 -2.05 4.93
C HIS A 103 1.13 -2.88 5.05
N HIS A 104 2.05 -2.72 4.11
CA HIS A 104 3.29 -3.47 4.18
C HIS A 104 4.27 -2.74 5.07
N GLU A 105 5.02 -3.50 5.87
CA GLU A 105 6.01 -2.95 6.76
C GLU A 105 6.99 -2.04 6.04
N THR A 106 7.36 -2.37 4.80
CA THR A 106 8.30 -1.55 4.04
C THR A 106 7.73 -0.18 3.66
N THR A 107 6.48 -0.15 3.21
CA THR A 107 5.83 1.10 2.85
C THR A 107 5.85 2.02 4.08
N ARG A 108 5.52 1.42 5.22
CA ARG A 108 5.49 2.17 6.46
C ARG A 108 6.85 2.74 6.83
N LEU A 109 7.92 1.95 6.68
CA LEU A 109 9.26 2.46 6.99
C LEU A 109 9.56 3.59 5.99
N ALA A 110 9.09 3.43 4.76
CA ALA A 110 9.31 4.43 3.72
C ALA A 110 8.65 5.75 4.09
N LEU A 111 7.37 5.68 4.45
CA LEU A 111 6.63 6.88 4.85
C LEU A 111 7.32 7.60 6.01
N LYS A 112 7.60 6.85 7.05
CA LYS A 112 8.26 7.40 8.23
C LYS A 112 9.59 8.06 7.84
N ALA A 113 10.41 7.35 7.07
CA ALA A 113 11.71 7.87 6.64
C ALA A 113 11.56 9.13 5.79
N LEU A 114 10.57 9.14 4.90
CA LEU A 114 10.29 10.28 4.02
C LEU A 114 10.03 11.53 4.85
N ALA A 115 9.22 11.40 5.88
CA ALA A 115 8.92 12.56 6.69
C ALA A 115 10.19 13.15 7.30
N ARG A 116 11.15 12.28 7.62
CA ARG A 116 12.38 12.76 8.23
C ARG A 116 13.34 13.36 7.25
N HIS A 117 13.50 12.71 6.11
CA HIS A 117 14.48 13.21 5.16
C HIS A 117 13.96 14.17 4.09
N LEU A 118 12.65 14.30 3.95
CA LEU A 118 12.13 15.22 2.94
C LEU A 118 11.92 16.64 3.49
N ARG A 119 12.35 17.63 2.73
CA ARG A 119 12.19 19.03 3.10
C ARG A 119 11.28 19.66 2.07
N PRO A 120 10.44 20.61 2.50
CA PRO A 120 9.51 21.30 1.59
C PRO A 120 10.27 21.93 0.42
N GLY A 121 9.80 21.65 -0.78
CA GLY A 121 10.45 22.17 -1.98
C GLY A 121 11.41 21.16 -2.61
N ASP A 122 11.57 20.00 -1.98
CA ASP A 122 12.47 18.99 -2.52
C ASP A 122 11.88 18.29 -3.73
N LYS A 123 12.76 17.87 -4.64
CA LYS A 123 12.30 17.14 -5.82
C LYS A 123 12.55 15.68 -5.48
N VAL A 124 11.49 14.90 -5.57
CA VAL A 124 11.57 13.49 -5.23
C VAL A 124 11.27 12.48 -6.33
N LEU A 125 12.01 11.39 -6.27
CA LEU A 125 11.82 10.32 -7.20
C LEU A 125 11.38 9.11 -6.41
N ASP A 126 10.16 8.66 -6.71
CA ASP A 126 9.58 7.48 -6.08
C ASP A 126 9.89 6.35 -7.06
N LEU A 127 10.98 5.62 -6.83
CA LEU A 127 11.38 4.54 -7.72
C LEU A 127 10.66 3.24 -7.41
N GLY A 128 9.68 2.91 -8.24
CA GLY A 128 8.89 1.70 -8.06
C GLY A 128 7.69 2.18 -7.28
N THR A 129 7.02 3.18 -7.85
CA THR A 129 5.88 3.87 -7.24
C THR A 129 4.66 3.03 -6.86
N GLY A 130 4.43 1.95 -7.57
CA GLY A 130 3.27 1.12 -7.27
C GLY A 130 2.00 1.98 -7.22
N SER A 131 1.33 1.92 -6.07
CA SER A 131 0.10 2.66 -5.85
C SER A 131 0.34 4.18 -5.85
N GLY A 132 1.61 4.57 -5.79
CA GLY A 132 1.97 5.98 -5.79
C GLY A 132 1.89 6.63 -4.42
N VAL A 133 1.56 5.81 -3.43
CA VAL A 133 1.42 6.26 -2.06
C VAL A 133 2.55 7.15 -1.55
N LEU A 134 3.78 6.70 -1.72
CA LEU A 134 4.92 7.48 -1.26
C LEU A 134 4.96 8.79 -2.05
N ALA A 135 4.64 8.70 -3.33
CA ALA A 135 4.63 9.86 -4.24
C ALA A 135 3.70 10.91 -3.69
N ILE A 136 2.51 10.45 -3.31
CA ILE A 136 1.48 11.30 -2.77
C ILE A 136 1.95 11.89 -1.44
N ALA A 137 2.52 11.03 -0.60
CA ALA A 137 3.03 11.46 0.70
C ALA A 137 4.01 12.63 0.55
N ALA A 138 4.92 12.52 -0.41
CA ALA A 138 5.93 13.55 -0.63
C ALA A 138 5.29 14.90 -0.96
N GLU A 139 4.21 14.90 -1.73
CA GLU A 139 3.51 16.15 -2.09
C GLU A 139 2.87 16.73 -0.82
N LYS A 140 2.33 15.85 0.02
CA LYS A 140 1.71 16.28 1.26
C LYS A 140 2.72 16.92 2.22
N LEU A 141 3.99 16.56 2.08
CA LEU A 141 5.03 17.10 2.94
C LEU A 141 5.57 18.38 2.34
N GLY A 142 5.06 18.74 1.17
CA GLY A 142 5.50 19.95 0.52
C GLY A 142 6.56 19.74 -0.54
N GLY A 143 6.85 18.49 -0.89
CA GLY A 143 7.84 18.21 -1.93
C GLY A 143 7.20 18.12 -3.30
N LYS A 144 8.04 18.00 -4.34
CA LYS A 144 7.61 17.89 -5.75
C LYS A 144 8.08 16.49 -6.21
N ALA A 145 7.15 15.60 -6.51
CA ALA A 145 7.54 14.25 -6.87
C ALA A 145 7.19 13.63 -8.19
N LEU A 146 8.07 12.69 -8.54
CA LEU A 146 7.97 11.88 -9.73
C LEU A 146 7.89 10.42 -9.30
N GLY A 147 6.91 9.70 -9.83
CA GLY A 147 6.77 8.30 -9.53
C GLY A 147 6.94 7.48 -10.80
N VAL A 148 7.92 6.57 -10.81
CA VAL A 148 8.17 5.69 -11.95
C VAL A 148 8.04 4.21 -11.56
N ASP A 149 7.57 3.39 -12.50
CA ASP A 149 7.42 1.96 -12.28
C ASP A 149 7.51 1.28 -13.62
N ILE A 150 8.22 0.16 -13.65
CA ILE A 150 8.34 -0.58 -14.90
C ILE A 150 7.02 -1.21 -15.31
N ASP A 151 6.07 -1.25 -14.38
CA ASP A 151 4.75 -1.84 -14.65
C ASP A 151 3.68 -0.76 -14.93
N PRO A 152 3.24 -0.62 -16.18
CA PRO A 152 2.24 0.38 -16.55
C PRO A 152 0.87 0.09 -15.97
N MET A 153 0.65 -1.15 -15.56
CA MET A 153 -0.63 -1.54 -15.00
C MET A 153 -0.98 -0.71 -13.79
N VAL A 154 0.05 -0.32 -13.04
CA VAL A 154 -0.14 0.45 -11.81
C VAL A 154 -0.39 1.93 -11.98
N LEU A 155 0.11 2.51 -13.06
CA LEU A 155 -0.02 3.96 -13.29
C LEU A 155 -1.43 4.58 -13.28
N PRO A 156 -2.46 3.89 -13.80
CA PRO A 156 -3.74 4.61 -13.71
C PRO A 156 -4.24 4.70 -12.25
N GLN A 157 -3.98 3.65 -11.47
CA GLN A 157 -4.41 3.62 -10.07
C GLN A 157 -3.70 4.71 -9.29
N ALA A 158 -2.39 4.78 -9.46
CA ALA A 158 -1.61 5.78 -8.75
C ALA A 158 -2.21 7.16 -9.00
N GLU A 159 -2.40 7.51 -10.26
CA GLU A 159 -2.98 8.81 -10.59
C GLU A 159 -4.37 8.93 -10.01
N ALA A 160 -5.09 7.82 -9.96
CA ALA A 160 -6.43 7.88 -9.39
C ALA A 160 -6.29 8.19 -7.90
N ASN A 161 -5.27 7.59 -7.28
CA ASN A 161 -4.99 7.80 -5.86
C ASN A 161 -4.63 9.24 -5.54
N ALA A 162 -3.73 9.78 -6.35
CA ALA A 162 -3.28 11.16 -6.17
C ALA A 162 -4.52 12.05 -6.16
N LYS A 163 -5.40 11.85 -7.13
CA LYS A 163 -6.64 12.59 -7.24
C LYS A 163 -7.36 12.65 -5.91
N ARG A 164 -7.72 11.48 -5.38
CA ARG A 164 -8.43 11.43 -4.11
C ARG A 164 -7.69 12.20 -3.01
N ASN A 165 -6.37 12.27 -3.14
CA ASN A 165 -5.58 12.96 -2.15
C ASN A 165 -5.35 14.42 -2.47
N GLY A 166 -6.11 14.92 -3.43
CA GLY A 166 -6.00 16.32 -3.80
C GLY A 166 -4.58 16.79 -4.00
N VAL A 167 -3.76 15.98 -4.66
CA VAL A 167 -2.39 16.33 -4.94
C VAL A 167 -2.07 15.79 -6.33
N ARG A 168 -1.00 16.28 -6.95
CA ARG A 168 -0.67 15.80 -8.27
C ARG A 168 0.79 15.59 -8.66
N PRO A 169 1.37 14.45 -8.23
CA PRO A 169 2.76 14.08 -8.53
C PRO A 169 2.84 13.74 -10.02
N ARG A 170 4.05 13.53 -10.52
CA ARG A 170 4.21 13.18 -11.91
C ARG A 170 4.44 11.69 -11.91
N PHE A 171 3.67 10.98 -12.74
CA PHE A 171 3.80 9.55 -12.82
C PHE A 171 4.26 9.15 -14.20
N LEU A 172 5.18 8.21 -14.22
CA LEU A 172 5.81 7.77 -15.46
C LEU A 172 6.30 6.32 -15.47
N GLU A 173 5.96 5.60 -16.54
CA GLU A 173 6.39 4.21 -16.73
C GLU A 173 7.90 4.17 -16.99
N GLY A 174 8.62 3.40 -16.21
CA GLY A 174 10.04 3.30 -16.45
C GLY A 174 10.80 2.97 -15.20
N SER A 175 12.11 3.21 -15.24
CA SER A 175 13.01 2.96 -14.12
C SER A 175 13.94 4.18 -13.91
N LEU A 176 15.10 3.99 -13.27
CA LEU A 176 16.04 5.09 -13.03
C LEU A 176 16.26 5.92 -14.28
N GLU A 177 16.64 5.25 -15.36
CA GLU A 177 16.91 5.91 -16.62
C GLU A 177 15.73 6.70 -17.16
N ALA A 178 14.51 6.20 -16.98
CA ALA A 178 13.37 6.94 -17.49
C ALA A 178 13.25 8.24 -16.73
N ALA A 179 13.82 8.25 -15.52
CA ALA A 179 13.76 9.38 -14.62
C ALA A 179 14.82 10.51 -14.70
N LEU A 180 16.08 10.15 -14.89
CA LEU A 180 17.15 11.14 -14.94
C LEU A 180 16.83 12.48 -15.63
N PRO A 181 16.07 12.45 -16.74
CA PRO A 181 15.74 13.71 -17.43
C PRO A 181 14.98 14.69 -16.54
N PHE A 182 14.35 14.20 -15.49
CA PHE A 182 13.61 15.07 -14.60
C PHE A 182 14.40 15.38 -13.34
N GLY A 183 15.61 14.85 -13.29
CA GLY A 183 16.45 15.07 -12.14
C GLY A 183 17.44 16.19 -12.40
N PRO A 184 18.47 16.30 -11.57
CA PRO A 184 18.62 15.38 -10.44
C PRO A 184 17.55 15.65 -9.39
N PHE A 185 17.52 14.81 -8.37
CA PHE A 185 16.54 14.96 -7.33
C PHE A 185 17.24 15.18 -6.01
N ASP A 186 16.48 15.71 -5.07
CA ASP A 186 16.97 15.98 -3.75
C ASP A 186 16.88 14.68 -3.00
N LEU A 187 15.81 13.95 -3.30
CA LEU A 187 15.58 12.67 -2.66
C LEU A 187 14.96 11.60 -3.54
N LEU A 188 15.38 10.38 -3.25
CA LEU A 188 14.90 9.17 -3.93
C LEU A 188 14.43 8.18 -2.89
N VAL A 189 13.24 7.66 -3.08
CA VAL A 189 12.74 6.68 -2.14
C VAL A 189 12.46 5.44 -3.01
N ALA A 190 13.03 4.31 -2.57
CA ALA A 190 12.92 3.02 -3.29
C ALA A 190 12.59 1.80 -2.43
N ASN A 191 11.39 1.28 -2.63
CA ASN A 191 10.90 0.09 -1.93
C ASN A 191 11.04 -1.05 -2.91
N LEU A 192 12.22 -1.65 -2.94
CA LEU A 192 12.50 -2.74 -3.86
C LEU A 192 13.00 -3.95 -3.10
N TYR A 193 14.24 -4.34 -3.36
CA TYR A 193 14.82 -5.48 -2.67
C TYR A 193 16.34 -5.33 -2.62
N ALA A 194 16.98 -5.93 -1.61
CA ALA A 194 18.43 -5.83 -1.39
C ALA A 194 19.38 -5.95 -2.60
N GLU A 195 19.19 -6.99 -3.41
CA GLU A 195 20.06 -7.22 -4.57
C GLU A 195 19.94 -6.17 -5.67
N LEU A 196 18.72 -5.70 -5.95
CA LEU A 196 18.56 -4.70 -6.99
C LEU A 196 19.16 -3.38 -6.54
N HIS A 197 19.01 -3.07 -5.25
CA HIS A 197 19.59 -1.83 -4.72
C HIS A 197 21.09 -1.96 -4.94
N ALA A 198 21.66 -3.06 -4.47
CA ALA A 198 23.10 -3.29 -4.60
C ALA A 198 23.60 -2.99 -6.03
N ALA A 199 22.78 -3.34 -7.02
CA ALA A 199 23.12 -3.12 -8.42
C ALA A 199 22.91 -1.67 -8.88
N LEU A 200 21.95 -0.98 -8.26
CA LEU A 200 21.66 0.40 -8.62
C LEU A 200 22.49 1.44 -7.84
N ALA A 201 23.07 1.02 -6.71
CA ALA A 201 23.87 1.90 -5.85
C ALA A 201 24.62 2.99 -6.61
N PRO A 202 25.43 2.60 -7.61
CA PRO A 202 26.18 3.59 -8.39
C PRO A 202 25.30 4.58 -9.17
N ARG A 203 24.19 4.10 -9.76
CA ARG A 203 23.30 4.99 -10.51
C ARG A 203 22.50 5.90 -9.58
N TYR A 204 22.39 5.49 -8.32
CA TYR A 204 21.69 6.29 -7.32
C TYR A 204 22.42 7.61 -7.09
N ARG A 205 23.73 7.56 -6.87
CA ARG A 205 24.46 8.79 -6.64
C ARG A 205 24.42 9.73 -7.84
N GLU A 206 24.16 9.21 -9.03
CA GLU A 206 24.11 10.08 -10.21
C GLU A 206 22.75 10.71 -10.39
N ALA A 207 21.75 10.15 -9.72
CA ALA A 207 20.39 10.66 -9.82
C ALA A 207 20.16 11.82 -8.87
N LEU A 208 20.94 11.82 -7.79
CA LEU A 208 20.82 12.82 -6.75
C LEU A 208 21.88 13.91 -6.80
N VAL A 209 21.44 15.13 -6.50
CA VAL A 209 22.32 16.28 -6.44
C VAL A 209 23.24 15.99 -5.29
N PRO A 210 24.43 16.60 -5.25
CA PRO A 210 25.31 16.32 -4.12
C PRO A 210 24.50 16.61 -2.86
N GLY A 211 24.71 15.84 -1.80
CA GLY A 211 23.95 16.07 -0.59
C GLY A 211 22.56 15.45 -0.65
N GLY A 212 22.14 14.99 -1.83
CA GLY A 212 20.84 14.36 -1.98
C GLY A 212 20.71 13.12 -1.11
N ARG A 213 19.48 12.72 -0.83
CA ARG A 213 19.26 11.56 0.02
C ARG A 213 18.71 10.35 -0.73
N ALA A 214 19.14 9.17 -0.28
CA ALA A 214 18.68 7.91 -0.85
C ALA A 214 18.00 7.08 0.23
N LEU A 215 16.71 6.80 0.05
CA LEU A 215 15.98 6.00 1.03
C LEU A 215 15.64 4.64 0.44
N LEU A 216 16.32 3.61 0.92
CA LEU A 216 16.15 2.27 0.39
C LEU A 216 15.46 1.28 1.31
N THR A 217 14.38 0.68 0.83
CA THR A 217 13.72 -0.32 1.66
C THR A 217 13.39 -1.60 0.90
N GLY A 218 12.56 -2.45 1.49
CA GLY A 218 12.24 -3.74 0.87
C GLY A 218 13.45 -4.66 1.13
N ILE A 219 14.18 -4.34 2.18
CA ILE A 219 15.39 -5.05 2.53
C ILE A 219 15.19 -6.05 3.66
N LEU A 220 15.43 -7.32 3.35
CA LEU A 220 15.31 -8.35 4.37
C LEU A 220 16.57 -8.22 5.23
N LYS A 221 16.38 -8.32 6.54
CA LYS A 221 17.49 -8.20 7.48
C LYS A 221 18.72 -9.00 7.11
N ASP A 222 18.50 -10.24 6.72
CA ASP A 222 19.59 -11.13 6.35
C ASP A 222 20.35 -10.71 5.09
N ARG A 223 19.86 -9.69 4.39
CA ARG A 223 20.51 -9.21 3.17
C ARG A 223 20.93 -7.76 3.23
N ALA A 224 20.78 -7.16 4.41
CA ALA A 224 21.16 -5.78 4.62
C ALA A 224 22.63 -5.48 4.29
N PRO A 225 23.54 -6.43 4.54
CA PRO A 225 24.98 -6.29 4.27
C PRO A 225 25.32 -5.95 2.83
N LEU A 226 24.54 -6.50 1.91
CA LEU A 226 24.75 -6.28 0.47
C LEU A 226 24.56 -4.81 0.12
N VAL A 227 23.57 -4.19 0.75
CA VAL A 227 23.27 -2.78 0.50
C VAL A 227 24.31 -1.91 1.14
N ARG A 228 24.65 -2.20 2.39
CA ARG A 228 25.69 -1.45 3.09
C ARG A 228 26.94 -1.37 2.22
N GLU A 229 27.42 -2.52 1.77
CA GLU A 229 28.63 -2.58 0.93
C GLU A 229 28.46 -1.86 -0.41
N ALA A 230 27.34 -2.10 -1.09
CA ALA A 230 27.07 -1.48 -2.37
C ALA A 230 27.04 0.03 -2.24
N MET A 231 26.37 0.52 -1.19
CA MET A 231 26.28 1.96 -0.94
C MET A 231 27.62 2.56 -0.52
N ALA A 232 28.27 1.99 0.48
CA ALA A 232 29.58 2.48 0.90
C ALA A 232 30.45 2.62 -0.37
N GLY A 233 30.56 1.55 -1.14
CA GLY A 233 31.35 1.57 -2.37
C GLY A 233 30.88 2.62 -3.38
N ALA A 234 29.56 2.84 -3.46
CA ALA A 234 28.99 3.81 -4.37
C ALA A 234 29.23 5.22 -3.82
N GLY A 235 29.96 5.30 -2.72
CA GLY A 235 30.30 6.59 -2.12
C GLY A 235 29.29 7.24 -1.17
N PHE A 236 28.25 6.51 -0.78
CA PHE A 236 27.28 7.09 0.14
C PHE A 236 27.78 6.92 1.57
N ARG A 237 27.09 7.53 2.52
CA ARG A 237 27.44 7.36 3.91
C ARG A 237 26.14 7.02 4.64
N PRO A 238 26.21 6.06 5.56
CA PRO A 238 25.01 5.65 6.31
C PRO A 238 24.45 6.82 7.07
N LEU A 239 23.13 6.91 7.16
CA LEU A 239 22.53 8.00 7.90
C LEU A 239 21.53 7.49 8.92
N GLU A 240 20.83 6.43 8.57
CA GLU A 240 19.82 5.92 9.45
C GLU A 240 19.40 4.51 9.06
N GLU A 241 18.87 3.78 10.04
CA GLU A 241 18.40 2.43 9.84
C GLU A 241 17.12 2.23 10.61
N ALA A 242 16.16 1.59 9.98
CA ALA A 242 14.89 1.30 10.61
C ALA A 242 14.54 -0.11 10.21
N ALA A 243 13.80 -0.80 11.07
CA ALA A 243 13.37 -2.15 10.82
C ALA A 243 11.97 -2.37 11.36
N GLU A 244 11.29 -3.35 10.81
CA GLU A 244 9.95 -3.74 11.25
C GLU A 244 9.80 -5.17 10.82
N GLY A 245 9.82 -6.09 11.78
CA GLY A 245 9.73 -7.49 11.42
C GLY A 245 11.03 -7.82 10.74
N GLU A 246 10.94 -8.52 9.61
CA GLU A 246 12.12 -8.92 8.86
C GLU A 246 12.50 -7.85 7.86
N TRP A 247 11.83 -6.72 7.92
CA TRP A 247 12.11 -5.68 6.96
C TRP A 247 12.94 -4.52 7.49
N VAL A 248 13.76 -3.98 6.60
CA VAL A 248 14.67 -2.91 6.98
C VAL A 248 14.69 -1.78 5.98
N LEU A 249 14.90 -0.57 6.49
CA LEU A 249 15.03 0.60 5.63
C LEU A 249 16.39 1.20 5.92
N LEU A 250 17.10 1.63 4.89
CA LEU A 250 18.40 2.24 5.10
C LEU A 250 18.47 3.59 4.41
N ALA A 251 18.92 4.59 5.17
CA ALA A 251 19.03 5.96 4.68
C ALA A 251 20.47 6.40 4.44
N TYR A 252 20.72 6.90 3.24
CA TYR A 252 22.04 7.36 2.88
C TYR A 252 22.05 8.78 2.35
N GLY A 253 23.21 9.41 2.46
CA GLY A 253 23.39 10.75 1.96
C GLY A 253 24.49 10.72 0.93
N ARG A 254 24.29 11.46 -0.16
CA ARG A 254 25.26 11.55 -1.24
C ARG A 254 26.14 12.78 -1.04
#